data_3BHQ
#
_entry.id   3BHQ
#
_cell.length_a   54.534
_cell.length_b   64.221
_cell.length_c   142.613
_cell.angle_alpha   90.000
_cell.angle_beta   90.000
_cell.angle_gamma   90.000
#
_symmetry.space_group_name_H-M   'P 21 21 21'
#
loop_
_entity.id
_entity.type
_entity.pdbx_description
1 polymer 'Transcriptional regulator'
2 non-polymer 'CHLORIDE ION'
3 non-polymer 1,2-ETHANEDIOL
4 water water
#
_entity_poly.entity_id   1
_entity_poly.type   'polypeptide(L)'
_entity_poly.pdbx_seq_one_letter_code
;G(MSE)KIDGETRSARKDREIIQAATAAFISKGYDGTS(MSE)EEIATKAGASKQTVYKHFTDKETLFGEVVLSTASQVN
DIIESVTTLLSEAIF(MSE)EGGLQQLARRLIAVL(MSE)DEELLKLRRLIIANADR(MSE)PQLGRAWYEKGFER
(MSE)LASTASCFQKLTNRGLIQTGDPYLAASHLFG(MSE)LLWIP(MSE)NEA(MSE)FTGSNRRSKAELERHADASVE
AFLAVYGVQPK
;
_entity_poly.pdbx_strand_id   A,B
#
loop_
_chem_comp.id
_chem_comp.type
_chem_comp.name
_chem_comp.formula
CL non-polymer 'CHLORIDE ION' 'Cl -1'
EDO non-polymer 1,2-ETHANEDIOL 'C2 H6 O2'
#
# COMPACT_ATOMS: atom_id res chain seq x y z
N GLU A 7 -9.52 11.40 34.33
CA GLU A 7 -10.35 11.67 33.11
C GLU A 7 -11.70 12.32 33.51
N THR A 8 -11.98 13.51 32.98
CA THR A 8 -13.25 14.22 33.24
C THR A 8 -14.42 13.54 32.53
N ARG A 9 -15.64 13.81 33.01
CA ARG A 9 -16.86 13.27 32.37
C ARG A 9 -16.95 13.69 30.89
N SER A 10 -16.52 14.91 30.58
CA SER A 10 -16.52 15.43 29.21
C SER A 10 -15.50 14.68 28.34
N ALA A 11 -14.32 14.41 28.90
CA ALA A 11 -13.27 13.64 28.21
C ALA A 11 -13.75 12.21 27.94
N ARG A 12 -14.36 11.58 28.94
CA ARG A 12 -14.90 10.22 28.80
C ARG A 12 -16.02 10.17 27.76
N LYS A 13 -16.96 11.10 27.83
CA LYS A 13 -18.03 11.17 26.83
C LYS A 13 -17.47 11.32 25.43
N ASP A 14 -16.48 12.19 25.25
CA ASP A 14 -15.86 12.37 23.92
C ASP A 14 -15.19 11.08 23.41
N ARG A 15 -14.49 10.38 24.28
CA ARG A 15 -13.93 9.08 23.95
C ARG A 15 -15.02 8.09 23.52
N GLU A 16 -16.13 8.05 24.28
CA GLU A 16 -17.26 7.18 23.95
C GLU A 16 -17.88 7.51 22.59
N ILE A 17 -18.00 8.81 22.31
CA ILE A 17 -18.53 9.26 21.03
C ILE A 17 -17.59 8.82 19.88
N ILE A 18 -16.29 9.05 20.03
CA ILE A 18 -15.32 8.66 19.00
C ILE A 18 -15.32 7.13 18.79
N GLN A 19 -15.41 6.39 19.89
CA GLN A 19 -15.49 4.90 19.80
C GLN A 19 -16.72 4.47 18.98
N ALA A 20 -17.89 5.06 19.32
CA ALA A 20 -19.12 4.79 18.59
C ALA A 20 -19.04 5.19 17.13
N ALA A 21 -18.44 6.35 16.86
CA ALA A 21 -18.31 6.85 15.50
C ALA A 21 -17.41 5.93 14.68
N THR A 22 -16.35 5.48 15.30
CA THR A 22 -15.37 4.57 14.63
C THR A 22 -16.05 3.29 14.17
N ALA A 23 -16.82 2.70 15.08
CA ALA A 23 -17.57 1.46 14.74
C ALA A 23 -18.63 1.71 13.66
N ALA A 24 -19.35 2.84 13.79
CA ALA A 24 -20.41 3.21 12.84
C ALA A 24 -19.89 3.44 11.43
N PHE A 25 -18.83 4.24 11.32
CA PHE A 25 -18.19 4.45 10.02
C PHE A 25 -17.67 3.15 9.39
N ILE A 26 -17.04 2.30 10.19
CA ILE A 26 -16.55 0.99 9.67
C ILE A 26 -17.71 0.12 9.20
N SER A 27 -18.78 0.08 9.98
CA SER A 27 -19.93 -0.74 9.65
C SER A 27 -20.76 -0.24 8.48
N LYS A 28 -20.98 1.07 8.39
CA LYS A 28 -21.92 1.65 7.44
C LYS A 28 -21.32 2.53 6.37
N GLY A 29 -20.06 2.96 6.56
CA GLY A 29 -19.46 3.96 5.70
C GLY A 29 -19.96 5.34 6.12
N TYR A 30 -19.31 6.36 5.61
CA TYR A 30 -19.67 7.74 5.92
C TYR A 30 -21.12 8.09 5.59
N ASP A 31 -21.58 7.72 4.38
CA ASP A 31 -22.95 8.04 3.96
C ASP A 31 -24.01 7.22 4.64
N GLY A 32 -23.63 6.07 5.21
CA GLY A 32 -24.58 5.16 5.86
C GLY A 32 -24.88 5.44 7.32
N THR A 33 -24.20 6.42 7.91
CA THR A 33 -24.44 6.78 9.31
C THR A 33 -24.68 8.27 9.43
N SER A 34 -24.96 8.70 10.65
CA SER A 34 -25.27 10.08 10.92
C SER A 34 -24.89 10.48 12.33
N MSE A 35 -24.86 11.77 12.55
CA MSE A 35 -24.57 12.32 13.89
C MSE A 35 -25.59 11.81 14.90
O MSE A 35 -25.22 11.46 16.03
CB MSE A 35 -24.59 13.85 13.85
CG MSE A 35 -23.48 14.46 13.01
SE MSE A 35 -21.76 14.44 13.91
CE MSE A 35 -22.02 16.09 14.90
N GLU A 36 -26.85 11.72 14.48
CA GLU A 36 -27.93 11.27 15.34
C GLU A 36 -27.76 9.80 15.72
N GLU A 37 -27.43 8.95 14.75
CA GLU A 37 -27.20 7.53 15.01
C GLU A 37 -25.97 7.28 15.89
N ILE A 38 -24.90 8.05 15.65
CA ILE A 38 -23.68 7.96 16.46
C ILE A 38 -23.97 8.39 17.91
N ALA A 39 -24.74 9.47 18.07
CA ALA A 39 -25.14 9.94 19.40
C ALA A 39 -25.84 8.82 20.17
N THR A 40 -26.81 8.20 19.52
CA THR A 40 -27.56 7.09 20.13
C THR A 40 -26.64 5.94 20.52
N LYS A 41 -25.78 5.52 19.60
CA LYS A 41 -24.83 4.43 19.83
C LYS A 41 -23.89 4.73 21.00
N ALA A 42 -23.50 5.99 21.14
CA ALA A 42 -22.59 6.44 22.19
C ALA A 42 -23.25 6.74 23.51
N GLY A 43 -24.58 6.79 23.53
CA GLY A 43 -25.30 7.16 24.74
C GLY A 43 -25.10 8.63 25.10
N ALA A 44 -25.07 9.48 24.07
CA ALA A 44 -24.92 10.91 24.21
C ALA A 44 -26.13 11.61 23.59
N SER A 45 -26.40 12.83 24.05
CA SER A 45 -27.42 13.64 23.41
C SER A 45 -26.89 14.13 22.06
N LYS A 46 -27.80 14.36 21.12
CA LYS A 46 -27.51 14.93 19.80
C LYS A 46 -26.79 16.28 19.99
N GLN A 47 -27.30 17.07 20.93
CA GLN A 47 -26.70 18.38 21.28
C GLN A 47 -25.23 18.27 21.62
N THR A 48 -24.89 17.33 22.52
CA THR A 48 -23.48 17.14 22.87
C THR A 48 -22.61 16.78 21.68
N VAL A 49 -23.07 15.84 20.83
CA VAL A 49 -22.28 15.46 19.66
C VAL A 49 -22.04 16.66 18.70
N TYR A 50 -23.07 17.46 18.44
CA TYR A 50 -22.91 18.67 17.60
C TYR A 50 -22.02 19.74 18.25
N LYS A 51 -22.19 19.94 19.55
CA LYS A 51 -21.40 20.95 20.28
C LYS A 51 -19.91 20.62 20.26
N HIS A 52 -19.61 19.33 20.42
CA HIS A 52 -18.21 18.87 20.55
C HIS A 52 -17.53 18.47 19.26
N PHE A 53 -18.29 18.09 18.23
CA PHE A 53 -17.73 17.62 16.99
C PHE A 53 -18.22 18.29 15.71
N THR A 54 -19.20 19.21 15.83
CA THR A 54 -19.70 20.06 14.72
C THR A 54 -20.45 19.36 13.59
N ASP A 55 -19.81 18.42 12.94
CA ASP A 55 -20.42 17.71 11.83
C ASP A 55 -19.78 16.37 11.62
N LYS A 56 -20.38 15.56 10.74
CA LYS A 56 -19.95 14.21 10.50
C LYS A 56 -18.53 14.16 9.91
N GLU A 57 -18.19 15.15 9.09
CA GLU A 57 -16.85 15.22 8.48
C GLU A 57 -15.76 15.45 9.55
N THR A 58 -16.02 16.40 10.43
CA THR A 58 -15.13 16.72 11.55
C THR A 58 -14.95 15.53 12.47
N LEU A 59 -16.06 14.85 12.79
CA LEU A 59 -16.01 13.68 13.64
C LEU A 59 -15.17 12.55 13.00
N PHE A 60 -15.30 12.37 11.69
CA PHE A 60 -14.50 11.34 10.97
C PHE A 60 -12.99 11.68 11.12
N GLY A 61 -12.65 12.97 11.06
CA GLY A 61 -11.28 13.38 11.25
C GLY A 61 -10.75 13.02 12.63
N GLU A 62 -11.57 13.23 13.66
CA GLU A 62 -11.20 12.82 15.03
C GLU A 62 -11.06 11.30 15.20
N VAL A 63 -11.90 10.52 14.50
CA VAL A 63 -11.79 9.05 14.49
C VAL A 63 -10.42 8.66 13.95
N VAL A 64 -10.03 9.27 12.84
CA VAL A 64 -8.71 8.96 12.21
C VAL A 64 -7.58 9.29 13.18
N LEU A 65 -7.63 10.48 13.78
CA LEU A 65 -6.59 10.86 14.72
C LEU A 65 -6.54 9.97 15.96
N SER A 66 -7.69 9.57 16.50
CA SER A 66 -7.74 8.68 17.67
CA SER A 66 -7.72 8.68 17.67
C SER A 66 -7.11 7.32 17.36
N THR A 67 -7.45 6.77 16.20
CA THR A 67 -6.91 5.48 15.77
C THR A 67 -5.38 5.60 15.58
N ALA A 68 -4.93 6.69 14.97
CA ALA A 68 -3.49 6.94 14.76
C ALA A 68 -2.77 6.97 16.08
N SER A 69 -3.37 7.66 17.07
CA SER A 69 -2.77 7.73 18.39
C SER A 69 -2.70 6.37 19.10
N GLN A 70 -3.78 5.62 19.03
CA GLN A 70 -3.86 4.29 19.69
C GLN A 70 -2.83 3.32 19.12
N VAL A 71 -2.75 3.28 17.79
CA VAL A 71 -1.76 2.43 17.11
C VAL A 71 -0.34 2.82 17.48
N ASN A 72 -0.06 4.12 17.44
CA ASN A 72 1.27 4.58 17.79
C ASN A 72 1.67 4.34 19.24
N ASP A 73 0.72 4.37 20.17
CA ASP A 73 1.01 4.05 21.58
C ASP A 73 1.49 2.60 21.67
N ILE A 74 0.84 1.72 20.92
CA ILE A 74 1.23 0.30 20.88
C ILE A 74 2.62 0.14 20.26
N ILE A 75 2.87 0.80 19.13
CA ILE A 75 4.18 0.74 18.46
C ILE A 75 5.29 1.26 19.40
N GLU A 76 5.03 2.35 20.12
CA GLU A 76 6.02 2.86 21.09
C GLU A 76 6.38 1.83 22.18
N SER A 77 5.40 1.07 22.67
CA SER A 77 5.65 0.06 23.70
CA SER A 77 5.64 0.06 23.69
C SER A 77 6.53 -1.07 23.16
N VAL A 78 6.26 -1.52 21.93
CA VAL A 78 7.03 -2.61 21.29
C VAL A 78 8.44 -2.19 20.86
N THR A 79 8.62 -0.96 20.37
CA THR A 79 9.97 -0.47 20.04
C THR A 79 10.77 -0.28 21.33
N THR A 80 10.14 0.14 22.42
CA THR A 80 10.83 0.20 23.73
C THR A 80 11.32 -1.19 24.15
N LEU A 81 10.48 -2.22 23.98
CA LEU A 81 10.90 -3.60 24.30
C LEU A 81 12.13 -4.01 23.51
N LEU A 82 12.17 -3.69 22.19
CA LEU A 82 13.35 -4.02 21.34
C LEU A 82 14.62 -3.38 21.89
N SER A 83 14.50 -2.16 22.40
CA SER A 83 15.63 -1.47 23.04
C SER A 83 16.15 -2.21 24.30
N GLU A 84 15.33 -3.07 24.90
CA GLU A 84 15.73 -3.87 26.07
C GLU A 84 16.23 -5.29 25.71
N ALA A 85 16.26 -5.66 24.42
CA ALA A 85 16.72 -6.98 24.01
C ALA A 85 18.24 -7.02 23.95
N ILE A 86 18.82 -8.14 24.37
CA ILE A 86 20.24 -8.38 24.25
C ILE A 86 20.57 -8.86 22.84
N PHE A 87 19.67 -9.66 22.26
CA PHE A 87 19.85 -10.28 20.97
C PHE A 87 18.98 -9.60 19.92
N MSE A 88 19.64 -9.07 18.88
CA MSE A 88 18.92 -8.35 17.84
C MSE A 88 18.06 -9.20 16.96
O MSE A 88 17.00 -8.68 16.56
CB MSE A 88 19.87 -7.51 16.97
CG MSE A 88 20.50 -6.34 17.70
SE MSE A 88 19.27 -5.02 18.34
CE MSE A 88 19.03 -5.70 20.17
N GLU A 89 18.47 -10.42 16.57
CA GLU A 89 17.61 -11.21 15.69
CA GLU A 89 17.64 -11.26 15.72
C GLU A 89 16.31 -11.58 16.43
N GLY A 90 16.43 -12.13 17.62
CA GLY A 90 15.22 -12.44 18.40
C GLY A 90 14.40 -11.20 18.74
N GLY A 91 15.08 -10.11 19.13
CA GLY A 91 14.41 -8.87 19.47
C GLY A 91 13.63 -8.31 18.30
N LEU A 92 14.27 -8.30 17.13
CA LEU A 92 13.60 -7.84 15.90
C LEU A 92 12.45 -8.75 15.48
N GLN A 93 12.62 -10.06 15.65
CA GLN A 93 11.55 -11.03 15.39
C GLN A 93 10.35 -10.72 16.26
N GLN A 94 10.58 -10.47 17.56
CA GLN A 94 9.45 -10.15 18.46
C GLN A 94 8.76 -8.87 18.03
N LEU A 95 9.54 -7.85 17.65
CA LEU A 95 8.94 -6.58 17.16
C LEU A 95 8.14 -6.82 15.88
N ALA A 96 8.75 -7.52 14.93
CA ALA A 96 8.10 -7.79 13.62
C ALA A 96 6.80 -8.55 13.77
N ARG A 97 6.80 -9.56 14.63
CA ARG A 97 5.58 -10.34 14.90
C ARG A 97 4.46 -9.46 15.48
N ARG A 98 4.81 -8.56 16.41
CA ARG A 98 3.83 -7.64 17.01
CA ARG A 98 3.82 -7.66 17.01
C ARG A 98 3.32 -6.62 15.98
N LEU A 99 4.23 -6.09 15.15
CA LEU A 99 3.86 -5.11 14.10
C LEU A 99 2.86 -5.70 13.14
N ILE A 100 3.11 -6.92 12.69
CA ILE A 100 2.17 -7.64 11.79
CA ILE A 100 2.19 -7.56 11.76
C ILE A 100 0.82 -7.76 12.45
N ALA A 101 0.78 -8.23 13.69
CA ALA A 101 -0.50 -8.44 14.40
C ALA A 101 -1.30 -7.15 14.58
N VAL A 102 -0.62 -6.07 14.95
CA VAL A 102 -1.26 -4.78 15.15
C VAL A 102 -1.75 -4.14 13.85
N LEU A 103 -0.85 -4.09 12.87
CA LEU A 103 -1.13 -3.42 11.60
C LEU A 103 -2.07 -4.18 10.68
N MSE A 104 -2.22 -5.50 10.86
CA MSE A 104 -3.13 -6.31 10.06
CA MSE A 104 -3.12 -6.35 10.06
C MSE A 104 -4.45 -6.59 10.76
O MSE A 104 -5.24 -7.40 10.32
CB MSE A 104 -2.41 -7.58 9.57
CB MSE A 104 -2.46 -7.70 9.73
CG MSE A 104 -1.17 -7.29 8.72
CG MSE A 104 -1.22 -7.57 8.88
SE MSE A 104 -1.56 -6.32 7.09
SE MSE A 104 -1.70 -7.27 7.04
CE MSE A 104 -2.89 -7.62 6.41
CE MSE A 104 -0.21 -6.15 6.48
N ASP A 105 -4.70 -5.89 11.87
CA ASP A 105 -5.96 -5.99 12.58
C ASP A 105 -7.11 -5.67 11.60
N GLU A 106 -8.13 -6.51 11.61
CA GLU A 106 -9.20 -6.41 10.64
C GLU A 106 -9.94 -5.08 10.64
N GLU A 107 -10.25 -4.57 11.82
CA GLU A 107 -10.97 -3.30 11.90
C GLU A 107 -10.12 -2.13 11.42
N LEU A 108 -8.81 -2.18 11.72
CA LEU A 108 -7.88 -1.17 11.25
C LEU A 108 -7.79 -1.18 9.71
N LEU A 109 -7.77 -2.36 9.11
CA LEU A 109 -7.75 -2.47 7.63
C LEU A 109 -9.03 -1.89 7.01
N LYS A 110 -10.17 -2.15 7.65
CA LYS A 110 -11.44 -1.56 7.16
C LYS A 110 -11.37 -0.03 7.21
N LEU A 111 -10.85 0.51 8.29
CA LEU A 111 -10.69 1.98 8.39
C LEU A 111 -9.72 2.51 7.30
N ARG A 112 -8.60 1.82 7.07
CA ARG A 112 -7.65 2.21 6.02
CA ARG A 112 -7.66 2.20 6.02
C ARG A 112 -8.35 2.31 4.65
N ARG A 113 -9.15 1.30 4.33
CA ARG A 113 -9.89 1.31 3.05
C ARG A 113 -10.79 2.54 2.93
N LEU A 114 -11.49 2.88 4.02
CA LEU A 114 -12.39 4.05 4.01
C LEU A 114 -11.63 5.36 3.81
N ILE A 115 -10.49 5.48 4.49
CA ILE A 115 -9.65 6.68 4.36
C ILE A 115 -9.21 6.84 2.88
N ILE A 116 -8.77 5.74 2.26
CA ILE A 116 -8.36 5.77 0.84
C ILE A 116 -9.52 6.03 -0.09
N ALA A 117 -10.67 5.42 0.18
CA ALA A 117 -11.86 5.66 -0.62
C ALA A 117 -12.28 7.14 -0.64
N ASN A 118 -12.00 7.83 0.47
CA ASN A 118 -12.33 9.25 0.63
C ASN A 118 -11.18 10.23 0.34
N ALA A 119 -10.16 9.77 -0.38
CA ALA A 119 -8.98 10.59 -0.72
C ALA A 119 -9.33 11.88 -1.48
N ASP A 120 -10.34 11.81 -2.34
CA ASP A 120 -10.78 12.98 -3.12
C ASP A 120 -11.85 13.77 -2.42
N ARG A 121 -12.82 13.07 -1.81
CA ARG A 121 -13.95 13.70 -1.12
CA ARG A 121 -13.95 13.73 -1.14
C ARG A 121 -13.52 14.43 0.15
N MSE A 122 -12.68 13.76 0.95
CA MSE A 122 -12.22 14.31 2.25
C MSE A 122 -10.72 14.02 2.34
O MSE A 122 -10.30 13.13 3.10
CB MSE A 122 -13.00 13.70 3.41
CG MSE A 122 -14.45 14.12 3.48
SE MSE A 122 -15.51 13.28 4.87
CE MSE A 122 -15.70 11.56 4.02
N PRO A 123 -9.90 14.75 1.58
CA PRO A 123 -8.45 14.50 1.49
C PRO A 123 -7.76 14.62 2.83
N GLN A 124 -8.33 15.41 3.74
CA GLN A 124 -7.72 15.60 5.06
C GLN A 124 -7.60 14.33 5.91
N LEU A 125 -8.46 13.36 5.67
CA LEU A 125 -8.45 12.10 6.44
C LEU A 125 -7.14 11.35 6.15
N GLY A 126 -6.86 11.17 4.86
CA GLY A 126 -5.62 10.50 4.47
C GLY A 126 -4.38 11.29 4.83
N ARG A 127 -4.44 12.63 4.76
CA ARG A 127 -3.31 13.41 5.20
C ARG A 127 -3.02 13.21 6.69
N ALA A 128 -4.09 13.18 7.49
CA ALA A 128 -3.96 12.93 8.93
C ALA A 128 -3.41 11.55 9.21
N TRP A 129 -3.94 10.53 8.53
CA TRP A 129 -3.43 9.17 8.73
C TRP A 129 -1.92 9.11 8.36
N TYR A 130 -1.60 9.71 7.23
CA TYR A 130 -0.19 9.65 6.76
C TYR A 130 0.75 10.33 7.75
N GLU A 131 0.40 11.53 8.25
CA GLU A 131 1.25 12.27 9.19
CA GLU A 131 1.29 12.23 9.18
C GLU A 131 1.29 11.64 10.58
N LYS A 132 0.11 11.44 11.14
CA LYS A 132 -0.03 11.00 12.53
C LYS A 132 -0.03 9.52 12.80
N GLY A 133 -0.28 8.74 11.75
CA GLY A 133 -0.25 7.30 11.79
C GLY A 133 1.02 6.76 11.21
N PHE A 134 1.11 6.79 9.88
CA PHE A 134 2.23 6.20 9.14
C PHE A 134 3.60 6.81 9.47
N GLU A 135 3.72 8.13 9.31
CA GLU A 135 5.02 8.80 9.55
C GLU A 135 5.47 8.67 10.99
N ARG A 136 4.51 8.79 11.92
CA ARG A 136 4.82 8.68 13.34
C ARG A 136 5.38 7.30 13.72
N MSE A 137 4.86 6.22 13.14
CA MSE A 137 5.35 4.88 13.50
CA MSE A 137 5.37 4.87 13.46
C MSE A 137 6.75 4.63 12.88
O MSE A 137 7.59 3.97 13.50
CB MSE A 137 4.30 3.78 13.28
CB MSE A 137 4.41 3.75 13.06
CG MSE A 137 4.07 3.19 11.94
CG MSE A 137 4.04 3.60 11.61
SE MSE A 137 2.44 2.05 12.06
SE MSE A 137 2.92 2.05 11.28
CE MSE A 137 1.09 3.31 11.57
CE MSE A 137 1.73 2.34 12.86
N LEU A 138 7.01 5.18 11.69
CA LEU A 138 8.37 5.07 11.10
C LEU A 138 9.33 5.93 11.94
N ALA A 139 8.90 7.11 12.37
CA ALA A 139 9.74 8.01 13.19
C ALA A 139 10.10 7.36 14.54
N SER A 140 9.11 6.69 15.16
CA SER A 140 9.33 6.00 16.45
CA SER A 140 9.34 6.02 16.45
CA SER A 140 9.33 5.99 16.46
C SER A 140 10.33 4.85 16.27
N THR A 141 10.16 4.09 15.19
CA THR A 141 11.07 3.01 14.87
C THR A 141 12.49 3.57 14.57
N ALA A 142 12.56 4.69 13.83
CA ALA A 142 13.82 5.37 13.50
C ALA A 142 14.59 5.83 14.74
N SER A 143 13.86 6.41 15.70
CA SER A 143 14.46 6.85 16.96
C SER A 143 15.04 5.64 17.70
N CYS A 144 14.29 4.54 17.71
CA CYS A 144 14.77 3.27 18.30
C CYS A 144 16.04 2.74 17.60
N PHE A 145 16.04 2.71 16.27
CA PHE A 145 17.21 2.24 15.51
C PHE A 145 18.45 3.14 15.69
N GLN A 146 18.24 4.44 15.84
CA GLN A 146 19.36 5.38 16.08
C GLN A 146 20.06 5.05 17.38
N LYS A 147 19.25 4.83 18.42
CA LYS A 147 19.77 4.44 19.75
C LYS A 147 20.49 3.08 19.67
N LEU A 148 19.91 2.12 18.95
CA LEU A 148 20.56 0.82 18.75
C LEU A 148 21.88 0.96 17.96
N THR A 149 21.90 1.86 16.98
CA THR A 149 23.12 2.14 16.20
C THR A 149 24.19 2.77 17.09
N ASN A 150 23.79 3.76 17.90
CA ASN A 150 24.73 4.42 18.86
C ASN A 150 25.36 3.41 19.85
N ARG A 151 24.61 2.37 20.21
CA ARG A 151 25.07 1.31 21.10
C ARG A 151 25.83 0.18 20.39
N GLY A 152 26.02 0.28 19.08
CA GLY A 152 26.75 -0.70 18.28
C GLY A 152 26.05 -2.03 18.07
N LEU A 153 24.72 -2.05 18.26
CA LEU A 153 23.94 -3.30 18.15
C LEU A 153 23.47 -3.59 16.72
N ILE A 154 23.19 -2.54 15.95
CA ILE A 154 22.87 -2.59 14.51
C ILE A 154 23.63 -1.43 13.86
N GLN A 155 23.52 -1.28 12.55
CA GLN A 155 24.11 -0.13 11.81
C GLN A 155 23.14 0.45 10.79
N THR A 156 22.36 1.44 11.22
CA THR A 156 21.41 2.13 10.37
C THR A 156 21.83 3.60 10.27
N GLY A 157 22.51 3.92 9.16
CA GLY A 157 22.96 5.29 8.86
C GLY A 157 21.82 6.28 8.69
N ASP A 158 20.76 5.86 7.99
CA ASP A 158 19.53 6.61 7.76
C ASP A 158 18.48 5.73 8.47
N PRO A 159 18.30 5.94 9.79
CA PRO A 159 17.33 5.13 10.54
C PRO A 159 15.88 5.19 10.06
N TYR A 160 15.41 6.33 9.53
CA TYR A 160 14.03 6.44 8.98
C TYR A 160 13.92 5.56 7.71
N LEU A 161 14.95 5.63 6.84
CA LEU A 161 14.96 4.79 5.63
C LEU A 161 14.97 3.30 6.01
N ALA A 162 15.81 2.97 6.97
CA ALA A 162 15.96 1.58 7.49
C ALA A 162 14.63 1.12 8.07
N ALA A 163 13.94 2.00 8.80
CA ALA A 163 12.62 1.68 9.32
C ALA A 163 11.65 1.38 8.18
N SER A 164 11.63 2.22 7.13
CA SER A 164 10.73 1.97 5.99
C SER A 164 11.07 0.64 5.31
N HIS A 165 12.36 0.27 5.28
CA HIS A 165 12.77 -1.03 4.71
C HIS A 165 12.25 -2.21 5.49
N LEU A 166 12.33 -2.15 6.82
CA LEU A 166 11.76 -3.23 7.67
C LEU A 166 10.24 -3.31 7.42
N PHE A 167 9.54 -2.19 7.53
CA PHE A 167 8.09 -2.17 7.33
C PHE A 167 7.70 -2.63 5.92
N GLY A 168 8.45 -2.16 4.94
CA GLY A 168 8.19 -2.54 3.55
C GLY A 168 8.37 -4.03 3.30
N MSE A 169 9.46 -4.61 3.80
CA MSE A 169 9.67 -6.06 3.62
C MSE A 169 8.60 -6.87 4.34
O MSE A 169 8.10 -7.87 3.82
CB MSE A 169 11.07 -6.47 4.04
CG MSE A 169 12.03 -5.97 3.09
SE MSE A 169 13.76 -6.73 3.34
CE MSE A 169 14.19 -5.54 4.56
N LEU A 170 8.24 -6.42 5.55
CA LEU A 170 7.27 -7.10 6.35
C LEU A 170 5.86 -7.03 5.80
N LEU A 171 5.46 -5.90 5.24
CA LEU A 171 4.07 -5.67 4.90
C LEU A 171 3.71 -5.57 3.43
N TRP A 172 4.68 -5.52 2.54
CA TRP A 172 4.36 -5.33 1.11
C TRP A 172 3.33 -6.38 0.64
N ILE A 173 3.58 -7.66 0.85
CA ILE A 173 2.62 -8.68 0.42
CA ILE A 173 2.61 -8.68 0.42
C ILE A 173 1.34 -8.69 1.26
N PRO A 174 1.44 -8.88 2.60
CA PRO A 174 0.17 -8.94 3.35
C PRO A 174 -0.75 -7.73 3.29
N MSE A 175 -0.16 -6.53 3.33
CA MSE A 175 -0.99 -5.30 3.30
C MSE A 175 -1.67 -5.13 1.95
O MSE A 175 -2.86 -4.84 1.85
CB MSE A 175 -0.16 -4.06 3.67
CG MSE A 175 -0.97 -2.81 3.79
SE MSE A 175 -2.33 -2.86 5.11
CE MSE A 175 -1.21 -2.80 6.52
N ASN A 176 -0.92 -5.33 0.86
CA ASN A 176 -1.55 -5.23 -0.46
C ASN A 176 -2.58 -6.36 -0.70
N GLU A 177 -2.26 -7.56 -0.23
CA GLU A 177 -3.22 -8.67 -0.36
C GLU A 177 -4.54 -8.29 0.36
N ALA A 178 -4.44 -7.67 1.54
CA ALA A 178 -5.66 -7.25 2.27
C ALA A 178 -6.40 -6.17 1.55
N MSE A 179 -5.66 -5.14 1.12
CA MSE A 179 -6.31 -4.05 0.44
C MSE A 179 -6.96 -4.40 -0.89
O MSE A 179 -7.94 -3.76 -1.27
CB MSE A 179 -5.33 -2.89 0.19
CG MSE A 179 -4.82 -2.23 1.39
SE MSE A 179 -6.22 -1.21 2.32
CE MSE A 179 -6.46 -2.48 3.59
N PHE A 180 -6.43 -5.37 -1.59
CA PHE A 180 -7.01 -5.71 -2.87
C PHE A 180 -8.04 -6.83 -2.76
N THR A 181 -7.83 -7.78 -1.85
CA THR A 181 -8.70 -8.96 -1.81
C THR A 181 -9.59 -9.05 -0.61
N GLY A 182 -9.29 -8.30 0.45
CA GLY A 182 -9.99 -8.39 1.71
C GLY A 182 -9.49 -9.59 2.51
N SER A 183 -8.85 -10.57 1.82
CA SER A 183 -8.32 -11.76 2.45
C SER A 183 -7.26 -11.29 3.41
N ASN A 184 -7.57 -11.45 4.70
CA ASN A 184 -6.67 -11.15 5.78
C ASN A 184 -6.67 -12.41 6.63
N ARG A 185 -5.84 -13.37 6.22
CA ARG A 185 -5.75 -14.70 6.84
CA ARG A 185 -5.73 -14.61 6.99
C ARG A 185 -4.30 -15.18 7.00
N ARG A 186 -3.94 -15.74 8.15
CA ARG A 186 -2.63 -16.30 8.37
C ARG A 186 -2.66 -17.06 9.67
N SER A 187 -2.08 -18.26 9.68
CA SER A 187 -1.94 -19.02 10.91
C SER A 187 -0.83 -18.35 11.73
N LYS A 188 -0.71 -18.75 13.01
CA LYS A 188 0.38 -18.26 13.86
C LYS A 188 1.73 -18.66 13.24
N ALA A 189 1.82 -19.91 12.74
CA ALA A 189 3.03 -20.40 12.04
C ALA A 189 3.42 -19.57 10.82
N GLU A 190 2.43 -19.19 9.99
CA GLU A 190 2.69 -18.39 8.79
C GLU A 190 3.13 -16.97 9.15
N LEU A 191 2.42 -16.35 10.10
CA LEU A 191 2.75 -15.00 10.60
C LEU A 191 4.22 -14.92 11.05
N GLU A 192 4.62 -15.88 11.90
CA GLU A 192 5.99 -15.96 12.41
C GLU A 192 7.02 -16.22 11.30
N ARG A 193 6.75 -17.17 10.40
CA ARG A 193 7.69 -17.44 9.30
C ARG A 193 7.95 -16.19 8.45
N HIS A 194 6.89 -15.43 8.24
CA HIS A 194 6.95 -14.20 7.45
C HIS A 194 7.78 -13.10 8.14
N ALA A 195 7.44 -12.83 9.39
CA ALA A 195 8.16 -11.85 10.18
C ALA A 195 9.66 -12.22 10.25
N ASP A 196 9.95 -13.49 10.51
CA ASP A 196 11.34 -13.94 10.66
C ASP A 196 12.17 -13.85 9.39
N ALA A 197 11.57 -14.19 8.25
CA ALA A 197 12.22 -14.05 6.97
C ALA A 197 12.52 -12.56 6.65
N SER A 198 11.59 -11.66 7.00
CA SER A 198 11.78 -10.21 6.81
C SER A 198 12.95 -9.70 7.68
N VAL A 199 12.99 -10.15 8.93
CA VAL A 199 14.08 -9.79 9.86
C VAL A 199 15.43 -10.33 9.40
N GLU A 200 15.47 -11.56 8.89
CA GLU A 200 16.73 -12.10 8.35
C GLU A 200 17.27 -11.24 7.23
N ALA A 201 16.39 -10.83 6.31
CA ALA A 201 16.82 -9.96 5.22
C ALA A 201 17.28 -8.60 5.74
N PHE A 202 16.50 -8.04 6.66
CA PHE A 202 16.83 -6.76 7.30
C PHE A 202 18.23 -6.78 7.94
N LEU A 203 18.54 -7.84 8.71
CA LEU A 203 19.86 -7.94 9.35
C LEU A 203 21.00 -8.18 8.35
N ALA A 204 20.70 -8.77 7.19
CA ALA A 204 21.69 -8.94 6.13
C ALA A 204 22.20 -7.59 5.65
N VAL A 205 21.35 -6.56 5.68
CA VAL A 205 21.73 -5.20 5.32
C VAL A 205 22.22 -4.37 6.51
N TYR A 206 21.47 -4.40 7.61
CA TYR A 206 21.68 -3.48 8.73
C TYR A 206 22.30 -4.06 10.01
N GLY A 207 22.58 -5.36 10.01
CA GLY A 207 23.20 -5.99 11.16
C GLY A 207 24.68 -5.65 11.26
N VAL A 208 25.26 -5.90 12.43
CA VAL A 208 26.71 -5.69 12.62
C VAL A 208 27.46 -6.97 12.27
N GLU B 7 -7.20 -6.93 -36.14
CA GLU B 7 -8.22 -6.69 -35.07
C GLU B 7 -9.62 -6.63 -35.69
N THR B 8 -10.56 -7.38 -35.11
CA THR B 8 -11.95 -7.39 -35.60
C THR B 8 -12.69 -6.10 -35.21
N ARG B 9 -13.79 -5.81 -35.91
CA ARG B 9 -14.62 -4.64 -35.63
C ARG B 9 -15.10 -4.64 -34.18
N SER B 10 -15.54 -5.82 -33.73
CA SER B 10 -16.03 -6.02 -32.36
C SER B 10 -14.95 -5.81 -31.31
N ALA B 11 -13.75 -6.34 -31.55
CA ALA B 11 -12.63 -6.18 -30.66
C ALA B 11 -12.19 -4.71 -30.56
N ARG B 12 -12.17 -4.02 -31.71
CA ARG B 12 -11.87 -2.57 -31.74
C ARG B 12 -12.90 -1.78 -30.90
N LYS B 13 -14.17 -2.10 -31.05
CA LYS B 13 -15.26 -1.43 -30.31
C LYS B 13 -15.06 -1.65 -28.80
N ASP B 14 -14.78 -2.90 -28.42
CA ASP B 14 -14.48 -3.22 -27.01
C ASP B 14 -13.28 -2.39 -26.47
N ARG B 15 -12.18 -2.36 -27.23
CA ARG B 15 -10.98 -1.62 -26.83
C ARG B 15 -11.27 -0.14 -26.64
N GLU B 16 -12.01 0.42 -27.59
CA GLU B 16 -12.37 1.84 -27.54
C GLU B 16 -13.26 2.16 -26.34
N ILE B 17 -14.26 1.30 -26.11
CA ILE B 17 -15.14 1.48 -24.95
C ILE B 17 -14.34 1.39 -23.64
N ILE B 18 -13.43 0.41 -23.54
CA ILE B 18 -12.58 0.27 -22.35
C ILE B 18 -11.68 1.48 -22.15
N GLN B 19 -11.07 2.00 -23.22
CA GLN B 19 -10.23 3.22 -23.12
C GLN B 19 -11.08 4.39 -22.61
N ALA B 20 -12.28 4.57 -23.17
CA ALA B 20 -13.20 5.63 -22.72
C ALA B 20 -13.58 5.48 -21.27
N ALA B 21 -13.95 4.25 -20.90
CA ALA B 21 -14.32 3.96 -19.54
C ALA B 21 -13.18 4.21 -18.55
N THR B 22 -11.96 3.86 -18.97
CA THR B 22 -10.79 4.10 -18.12
C THR B 22 -10.66 5.58 -17.80
N ALA B 23 -10.76 6.44 -18.82
CA ALA B 23 -10.67 7.90 -18.63
C ALA B 23 -11.82 8.41 -17.76
N ALA B 24 -13.03 7.89 -17.98
CA ALA B 24 -14.21 8.34 -17.24
C ALA B 24 -14.10 8.00 -15.76
N PHE B 25 -13.76 6.75 -15.49
CA PHE B 25 -13.63 6.29 -14.09
C PHE B 25 -12.53 7.06 -13.34
N ILE B 26 -11.41 7.31 -14.00
CA ILE B 26 -10.29 8.07 -13.41
C ILE B 26 -10.69 9.52 -13.08
N SER B 27 -11.53 10.12 -13.94
CA SER B 27 -11.98 11.50 -13.76
C SER B 27 -13.00 11.66 -12.65
N LYS B 28 -14.03 10.80 -12.63
CA LYS B 28 -15.18 10.95 -11.72
C LYS B 28 -15.46 9.84 -10.71
N GLY B 29 -14.69 8.75 -10.75
CA GLY B 29 -14.92 7.60 -9.87
C GLY B 29 -15.97 6.66 -10.42
N TYR B 30 -16.28 5.61 -9.67
CA TYR B 30 -17.26 4.60 -10.05
C TYR B 30 -18.68 5.14 -10.05
N ASP B 31 -19.20 5.50 -8.88
CA ASP B 31 -20.57 6.03 -8.79
C ASP B 31 -20.78 7.30 -9.62
N GLY B 32 -19.77 8.17 -9.70
CA GLY B 32 -19.84 9.41 -10.46
C GLY B 32 -19.79 9.33 -11.98
N THR B 33 -19.48 8.13 -12.49
CA THR B 33 -19.44 7.82 -13.94
C THR B 33 -20.69 7.11 -14.35
N SER B 34 -21.27 7.51 -15.48
CA SER B 34 -22.46 6.87 -16.03
C SER B 34 -22.09 6.16 -17.32
N MSE B 35 -22.87 5.14 -17.65
CA MSE B 35 -22.74 4.44 -18.93
C MSE B 35 -22.96 5.41 -20.11
O MSE B 35 -22.31 5.25 -21.13
CB MSE B 35 -23.65 3.19 -19.00
CG MSE B 35 -23.27 2.12 -18.01
SE MSE B 35 -21.64 1.24 -18.46
CE MSE B 35 -22.25 -0.41 -19.22
N GLU B 36 -23.83 6.42 -19.95
CA GLU B 36 -24.05 7.47 -20.97
CA GLU B 36 -24.07 7.46 -20.93
C GLU B 36 -22.77 8.25 -21.24
N GLU B 37 -22.06 8.64 -20.17
CA GLU B 37 -20.82 9.40 -20.30
C GLU B 37 -19.77 8.55 -21.02
N ILE B 38 -19.69 7.27 -20.64
CA ILE B 38 -18.75 6.35 -21.27
C ILE B 38 -19.08 6.21 -22.75
N ALA B 39 -20.36 6.01 -23.08
CA ALA B 39 -20.78 5.85 -24.48
C ALA B 39 -20.40 7.08 -25.30
N THR B 40 -20.65 8.26 -24.73
CA THR B 40 -20.35 9.54 -25.37
C THR B 40 -18.86 9.65 -25.67
N LYS B 41 -18.01 9.39 -24.67
CA LYS B 41 -16.54 9.38 -24.86
C LYS B 41 -16.06 8.36 -25.89
N ALA B 42 -16.70 7.18 -25.91
CA ALA B 42 -16.29 6.12 -26.81
C ALA B 42 -16.73 6.30 -28.25
N GLY B 43 -17.70 7.18 -28.50
CA GLY B 43 -18.30 7.27 -29.81
C GLY B 43 -19.16 6.04 -30.09
N ALA B 44 -19.91 5.58 -29.08
CA ALA B 44 -20.84 4.45 -29.22
C ALA B 44 -22.16 4.79 -28.59
N SER B 45 -23.23 4.09 -28.98
CA SER B 45 -24.52 4.26 -28.31
C SER B 45 -24.42 3.55 -26.95
N LYS B 46 -25.27 4.01 -26.04
CA LYS B 46 -25.36 3.40 -24.71
C LYS B 46 -25.85 1.94 -24.89
N GLN B 47 -26.81 1.70 -25.80
CA GLN B 47 -27.23 0.30 -26.10
C GLN B 47 -26.06 -0.59 -26.48
N THR B 48 -25.14 -0.09 -27.31
CA THR B 48 -23.96 -0.87 -27.69
C THR B 48 -23.03 -1.15 -26.50
N VAL B 49 -22.83 -0.16 -25.63
CA VAL B 49 -22.01 -0.37 -24.46
C VAL B 49 -22.63 -1.50 -23.61
N TYR B 50 -23.95 -1.42 -23.39
CA TYR B 50 -24.62 -2.48 -22.61
C TYR B 50 -24.56 -3.86 -23.32
N LYS B 51 -24.63 -3.88 -24.66
CA LYS B 51 -24.53 -5.16 -25.39
C LYS B 51 -23.14 -5.79 -25.22
N HIS B 52 -22.11 -4.95 -25.24
CA HIS B 52 -20.74 -5.43 -25.13
C HIS B 52 -20.27 -5.76 -23.69
N PHE B 53 -20.80 -5.06 -22.67
CA PHE B 53 -20.28 -5.23 -21.29
C PHE B 53 -21.23 -5.63 -20.21
N THR B 54 -22.53 -5.64 -20.47
CA THR B 54 -23.55 -6.08 -19.50
C THR B 54 -23.91 -5.01 -18.47
N ASP B 55 -22.94 -4.55 -17.70
CA ASP B 55 -23.17 -3.50 -16.70
C ASP B 55 -21.90 -2.74 -16.40
N LYS B 56 -22.04 -1.66 -15.63
CA LYS B 56 -20.93 -0.78 -15.27
C LYS B 56 -19.87 -1.53 -14.45
N GLU B 57 -20.30 -2.44 -13.57
CA GLU B 57 -19.38 -3.26 -12.78
C GLU B 57 -18.48 -4.15 -13.65
N THR B 58 -19.07 -4.81 -14.64
CA THR B 58 -18.34 -5.67 -15.55
C THR B 58 -17.34 -4.84 -16.36
N LEU B 59 -17.80 -3.69 -16.87
CA LEU B 59 -16.91 -2.80 -17.65
C LEU B 59 -15.72 -2.31 -16.77
N PHE B 60 -16.00 -1.93 -15.52
CA PHE B 60 -14.95 -1.54 -14.58
C PHE B 60 -13.94 -2.71 -14.39
N GLY B 61 -14.44 -3.94 -14.31
CA GLY B 61 -13.57 -5.12 -14.22
C GLY B 61 -12.64 -5.22 -15.43
N GLU B 62 -13.17 -4.95 -16.63
CA GLU B 62 -12.37 -4.98 -17.85
C GLU B 62 -11.35 -3.84 -17.91
N VAL B 63 -11.75 -2.66 -17.40
CA VAL B 63 -10.79 -1.55 -17.21
C VAL B 63 -9.60 -1.99 -16.33
N VAL B 64 -9.91 -2.65 -15.22
CA VAL B 64 -8.88 -3.16 -14.27
C VAL B 64 -7.94 -4.16 -14.98
N LEU B 65 -8.53 -5.11 -15.70
CA LEU B 65 -7.72 -6.10 -16.45
C LEU B 65 -6.85 -5.49 -17.54
N SER B 66 -7.41 -4.52 -18.27
CA SER B 66 -6.68 -3.82 -19.33
CA SER B 66 -6.66 -3.86 -19.34
C SER B 66 -5.48 -3.06 -18.79
N THR B 67 -5.71 -2.33 -17.70
CA THR B 67 -4.63 -1.57 -17.08
C THR B 67 -3.56 -2.54 -16.52
N ALA B 68 -4.01 -3.64 -15.91
CA ALA B 68 -3.07 -4.65 -15.36
C ALA B 68 -2.16 -5.19 -16.47
N SER B 69 -2.74 -5.45 -17.63
CA SER B 69 -2.02 -5.96 -18.79
C SER B 69 -1.05 -4.93 -19.33
N GLN B 70 -1.48 -3.68 -19.46
CA GLN B 70 -0.64 -2.60 -19.98
C GLN B 70 0.58 -2.33 -19.09
N VAL B 71 0.34 -2.17 -17.80
CA VAL B 71 1.41 -1.97 -16.84
C VAL B 71 2.38 -3.15 -16.86
N ASN B 72 1.86 -4.35 -16.85
CA ASN B 72 2.73 -5.53 -16.82
C ASN B 72 3.49 -5.77 -18.10
N ASP B 73 2.96 -5.35 -19.25
CA ASP B 73 3.75 -5.46 -20.49
C ASP B 73 4.98 -4.56 -20.41
N ILE B 74 4.83 -3.36 -19.83
CA ILE B 74 5.95 -2.43 -19.64
C ILE B 74 7.00 -3.04 -18.70
N ILE B 75 6.53 -3.52 -17.56
CA ILE B 75 7.45 -4.08 -16.56
CA ILE B 75 7.42 -4.10 -16.55
C ILE B 75 8.12 -5.33 -17.08
N GLU B 76 7.39 -6.16 -17.84
CA GLU B 76 7.97 -7.38 -18.41
C GLU B 76 9.12 -7.05 -19.37
N SER B 77 9.00 -5.98 -20.15
CA SER B 77 10.08 -5.54 -21.02
CA SER B 77 10.09 -5.54 -21.03
C SER B 77 11.32 -5.18 -20.23
N VAL B 78 11.12 -4.47 -19.13
CA VAL B 78 12.21 -4.02 -18.25
CA VAL B 78 12.24 -4.04 -18.30
C VAL B 78 12.90 -5.21 -17.56
N THR B 79 12.10 -6.12 -17.01
CA THR B 79 12.67 -7.30 -16.32
C THR B 79 13.36 -8.26 -17.28
N THR B 80 12.79 -8.44 -18.48
CA THR B 80 13.42 -9.32 -19.48
CA THR B 80 13.43 -9.33 -19.46
C THR B 80 14.78 -8.78 -19.88
N LEU B 81 14.90 -7.45 -20.06
CA LEU B 81 16.21 -6.82 -20.39
CA LEU B 81 16.20 -6.82 -20.39
C LEU B 81 17.21 -7.02 -19.26
N LEU B 82 16.78 -6.76 -18.02
CA LEU B 82 17.66 -6.98 -16.86
C LEU B 82 18.15 -8.40 -16.80
N SER B 83 17.29 -9.39 -17.14
CA SER B 83 17.65 -10.81 -17.04
C SER B 83 18.85 -11.20 -17.92
N GLU B 84 19.14 -10.40 -18.94
CA GLU B 84 20.27 -10.59 -19.86
C GLU B 84 21.43 -9.65 -19.57
N ALA B 85 21.32 -8.79 -18.56
CA ALA B 85 22.31 -7.81 -18.26
C ALA B 85 23.54 -8.47 -17.62
N ILE B 86 24.64 -7.73 -17.62
CA ILE B 86 25.85 -8.23 -16.99
CA ILE B 86 25.98 -8.09 -17.11
C ILE B 86 26.27 -7.41 -15.76
N PHE B 87 26.02 -6.12 -15.74
CA PHE B 87 26.33 -5.27 -14.59
C PHE B 87 25.10 -5.09 -13.68
N MSE B 88 25.18 -5.59 -12.46
CA MSE B 88 23.99 -5.62 -11.61
C MSE B 88 23.57 -4.34 -10.98
O MSE B 88 22.38 -4.06 -10.96
CB MSE B 88 24.10 -6.69 -10.55
CG MSE B 88 24.14 -8.11 -11.11
SE MSE B 88 22.55 -8.66 -12.05
CE MSE B 88 23.04 -8.24 -13.85
N GLU B 89 24.51 -3.58 -10.44
CA GLU B 89 24.12 -2.31 -9.80
C GLU B 89 23.34 -1.43 -10.79
N GLY B 90 23.93 -1.22 -11.97
CA GLY B 90 23.29 -0.40 -12.99
C GLY B 90 22.00 -0.97 -13.49
N GLY B 91 22.00 -2.28 -13.72
CA GLY B 91 20.80 -2.95 -14.20
C GLY B 91 19.63 -2.86 -13.25
N LEU B 92 19.91 -3.15 -11.97
CA LEU B 92 18.87 -3.04 -10.93
C LEU B 92 18.42 -1.58 -10.72
N GLN B 93 19.33 -0.63 -10.79
CA GLN B 93 18.92 0.78 -10.71
C GLN B 93 17.95 1.13 -11.81
N GLN B 94 18.24 0.68 -13.03
CA GLN B 94 17.36 0.91 -14.18
CA GLN B 94 17.35 0.95 -14.15
C GLN B 94 15.97 0.32 -13.92
N LEU B 95 15.91 -0.92 -13.43
CA LEU B 95 14.64 -1.54 -13.11
C LEU B 95 13.89 -0.74 -12.06
N ALA B 96 14.56 -0.42 -10.95
CA ALA B 96 13.88 0.28 -9.84
C ALA B 96 13.41 1.67 -10.22
N ARG B 97 14.24 2.40 -10.98
CA ARG B 97 13.87 3.72 -11.45
C ARG B 97 12.65 3.63 -12.38
N ARG B 98 12.61 2.64 -13.29
CA ARG B 98 11.47 2.50 -14.19
CA ARG B 98 11.47 2.47 -14.19
C ARG B 98 10.22 2.07 -13.43
N LEU B 99 10.36 1.17 -12.44
CA LEU B 99 9.21 0.73 -11.65
C LEU B 99 8.58 1.90 -10.91
N ILE B 100 9.41 2.74 -10.28
CA ILE B 100 8.83 3.87 -9.54
C ILE B 100 8.21 4.88 -10.52
N ALA B 101 8.79 5.06 -11.70
CA ALA B 101 8.21 5.95 -12.70
C ALA B 101 6.86 5.47 -13.18
N VAL B 102 6.77 4.18 -13.49
CA VAL B 102 5.51 3.56 -13.93
C VAL B 102 4.45 3.61 -12.84
N LEU B 103 4.83 3.24 -11.61
CA LEU B 103 3.83 3.10 -10.52
C LEU B 103 3.39 4.42 -9.90
N MSE B 104 4.18 5.46 -10.08
CA MSE B 104 3.83 6.80 -9.61
C MSE B 104 3.04 7.63 -10.62
O MSE B 104 2.73 8.78 -10.34
CB MSE B 104 5.06 7.56 -9.09
CG MSE B 104 5.72 7.01 -7.85
SE MSE B 104 4.54 6.95 -6.29
CE MSE B 104 4.20 5.13 -6.39
N ASP B 105 2.72 7.06 -11.76
CA ASP B 105 1.87 7.72 -12.74
C ASP B 105 0.56 8.16 -12.07
N GLU B 106 0.21 9.44 -12.21
CA GLU B 106 -0.98 10.00 -11.55
C GLU B 106 -2.29 9.26 -11.89
N GLU B 107 -2.45 8.86 -13.14
CA GLU B 107 -3.66 8.14 -13.57
C GLU B 107 -3.71 6.73 -13.03
N LEU B 108 -2.58 6.03 -13.05
CA LEU B 108 -2.52 4.68 -12.47
C LEU B 108 -2.84 4.73 -10.95
N LEU B 109 -2.26 5.69 -10.24
CA LEU B 109 -2.51 5.87 -8.80
C LEU B 109 -4.00 6.11 -8.53
N LYS B 110 -4.66 6.89 -9.39
CA LYS B 110 -6.13 7.12 -9.25
C LYS B 110 -6.93 5.84 -9.39
N LEU B 111 -6.58 5.07 -10.42
CA LEU B 111 -7.21 3.77 -10.64
C LEU B 111 -6.98 2.84 -9.46
N ARG B 112 -5.75 2.86 -8.92
CA ARG B 112 -5.41 2.01 -7.77
C ARG B 112 -6.21 2.39 -6.52
N ARG B 113 -6.40 3.70 -6.28
CA ARG B 113 -7.25 4.13 -5.16
C ARG B 113 -8.71 3.64 -5.37
N LEU B 114 -9.22 3.76 -6.60
CA LEU B 114 -10.55 3.25 -6.93
C LEU B 114 -10.72 1.74 -6.73
N ILE B 115 -9.70 0.98 -7.09
CA ILE B 115 -9.74 -0.48 -6.87
C ILE B 115 -9.83 -0.77 -5.38
N ILE B 116 -8.96 -0.15 -4.60
CA ILE B 116 -8.96 -0.34 -3.12
C ILE B 116 -10.30 0.10 -2.52
N ALA B 117 -10.81 1.24 -2.98
CA ALA B 117 -12.07 1.75 -2.49
C ALA B 117 -13.24 0.79 -2.71
N ASN B 118 -13.20 0.07 -3.83
CA ASN B 118 -14.26 -0.84 -4.23
C ASN B 118 -14.01 -2.32 -4.05
N ALA B 119 -12.85 -2.72 -3.52
CA ALA B 119 -12.49 -4.14 -3.44
C ALA B 119 -13.41 -4.92 -2.50
N ASP B 120 -13.97 -4.25 -1.49
CA ASP B 120 -14.88 -4.89 -0.56
C ASP B 120 -16.21 -5.22 -1.23
N ARG B 121 -16.79 -4.27 -1.95
CA ARG B 121 -18.05 -4.50 -2.67
C ARG B 121 -17.93 -5.24 -4.00
N MSE B 122 -16.73 -5.26 -4.62
CA MSE B 122 -16.47 -5.95 -5.88
CA MSE B 122 -16.49 -5.95 -5.89
C MSE B 122 -15.25 -6.83 -5.67
O MSE B 122 -14.17 -6.57 -6.23
CB MSE B 122 -16.23 -4.94 -6.99
CB MSE B 122 -16.35 -4.95 -7.05
CG MSE B 122 -17.35 -3.98 -7.18
CG MSE B 122 -17.52 -3.94 -7.11
SE MSE B 122 -16.80 -2.65 -8.42
SE MSE B 122 -17.93 -2.94 -8.76
CE MSE B 122 -17.98 -1.22 -7.95
CE MSE B 122 -18.80 -1.46 -7.91
N PRO B 123 -15.38 -7.87 -4.84
CA PRO B 123 -14.21 -8.73 -4.54
C PRO B 123 -13.52 -9.36 -5.74
N GLN B 124 -14.27 -9.69 -6.78
CA GLN B 124 -13.71 -10.23 -8.03
C GLN B 124 -12.76 -9.24 -8.71
N LEU B 125 -13.11 -7.96 -8.64
CA LEU B 125 -12.35 -6.89 -9.23
C LEU B 125 -11.01 -6.67 -8.51
N GLY B 126 -11.06 -6.62 -7.18
CA GLY B 126 -9.86 -6.50 -6.37
C GLY B 126 -8.95 -7.73 -6.53
N ARG B 127 -9.54 -8.92 -6.57
CA ARG B 127 -8.76 -10.15 -6.81
C ARG B 127 -8.10 -10.11 -8.21
N ALA B 128 -8.80 -9.56 -9.20
CA ALA B 128 -8.27 -9.43 -10.55
C ALA B 128 -7.01 -8.54 -10.56
N TRP B 129 -7.07 -7.37 -9.87
CA TRP B 129 -5.88 -6.52 -9.77
C TRP B 129 -4.77 -7.26 -9.00
N TYR B 130 -5.14 -7.90 -7.90
CA TYR B 130 -4.14 -8.62 -7.10
C TYR B 130 -3.41 -9.71 -7.90
N GLU B 131 -4.15 -10.52 -8.62
CA GLU B 131 -3.55 -11.62 -9.38
C GLU B 131 -2.90 -11.17 -10.66
N LYS B 132 -3.58 -10.34 -11.43
CA LYS B 132 -3.12 -9.94 -12.77
C LYS B 132 -2.30 -8.67 -12.85
N GLY B 133 -2.36 -7.87 -11.78
CA GLY B 133 -1.64 -6.63 -11.66
C GLY B 133 -0.46 -6.77 -10.72
N PHE B 134 -0.76 -6.72 -9.43
CA PHE B 134 0.25 -6.78 -8.35
C PHE B 134 1.15 -8.02 -8.38
N GLU B 135 0.56 -9.21 -8.35
CA GLU B 135 1.36 -10.45 -8.34
C GLU B 135 2.12 -10.65 -9.63
N ARG B 136 1.53 -10.24 -10.78
CA ARG B 136 2.24 -10.39 -12.04
C ARG B 136 3.54 -9.58 -12.10
N MSE B 137 3.57 -8.39 -11.51
CA MSE B 137 4.80 -7.60 -11.58
CA MSE B 137 4.78 -7.54 -11.47
C MSE B 137 5.87 -8.24 -10.67
O MSE B 137 7.04 -8.27 -11.03
CB MSE B 137 4.60 -6.10 -11.39
CB MSE B 137 4.51 -6.19 -10.80
CG MSE B 137 4.11 -5.65 -10.10
CG MSE B 137 3.57 -5.32 -11.61
SE MSE B 137 3.68 -3.76 -10.22
SE MSE B 137 3.46 -3.51 -10.92
CE MSE B 137 1.86 -3.84 -10.79
CE MSE B 137 1.55 -3.23 -11.00
N LEU B 138 5.47 -8.82 -9.53
CA LEU B 138 6.38 -9.59 -8.69
C LEU B 138 6.89 -10.84 -9.40
N ALA B 139 5.97 -11.55 -10.10
CA ALA B 139 6.31 -12.75 -10.86
C ALA B 139 7.31 -12.46 -11.98
N SER B 140 7.10 -11.36 -12.71
CA SER B 140 8.02 -11.00 -13.80
C SER B 140 9.40 -10.71 -13.22
N THR B 141 9.41 -9.99 -12.10
CA THR B 141 10.67 -9.66 -11.42
C THR B 141 11.35 -10.94 -10.90
N ALA B 142 10.57 -11.81 -10.29
CA ALA B 142 11.09 -13.09 -9.79
C ALA B 142 11.69 -13.92 -10.90
N SER B 143 11.04 -13.89 -12.07
CA SER B 143 11.53 -14.68 -13.21
C SER B 143 12.93 -14.19 -13.61
N CYS B 144 13.11 -12.88 -13.64
CA CYS B 144 14.39 -12.26 -13.93
C CYS B 144 15.42 -12.64 -12.86
N PHE B 145 15.05 -12.54 -11.59
CA PHE B 145 15.95 -12.91 -10.48
C PHE B 145 16.37 -14.37 -10.53
N GLN B 146 15.43 -15.23 -10.87
CA GLN B 146 15.72 -16.68 -11.04
C GLN B 146 16.83 -16.90 -12.06
N LYS B 147 16.68 -16.23 -13.21
CA LYS B 147 17.67 -16.30 -14.30
CA LYS B 147 17.65 -16.31 -14.29
C LYS B 147 19.01 -15.70 -13.88
N LEU B 148 18.98 -14.54 -13.24
CA LEU B 148 20.23 -13.93 -12.77
C LEU B 148 20.93 -14.80 -11.73
N THR B 149 20.14 -15.46 -10.86
CA THR B 149 20.70 -16.40 -9.86
C THR B 149 21.34 -17.61 -10.58
N ASN B 150 20.66 -18.13 -11.58
CA ASN B 150 21.19 -19.24 -12.41
C ASN B 150 22.51 -18.88 -13.08
N ARG B 151 22.67 -17.60 -13.41
CA ARG B 151 23.88 -17.06 -14.04
CA ARG B 151 23.90 -17.08 -14.02
C ARG B 151 24.95 -16.65 -13.00
N GLY B 152 24.66 -16.81 -11.71
CA GLY B 152 25.57 -16.45 -10.64
C GLY B 152 25.80 -14.95 -10.43
N LEU B 153 24.88 -14.11 -10.91
CA LEU B 153 25.03 -12.65 -10.87
C LEU B 153 24.44 -12.00 -9.62
N ILE B 154 23.44 -12.66 -9.04
CA ILE B 154 22.85 -12.34 -7.74
C ILE B 154 22.56 -13.70 -7.09
N GLN B 155 22.12 -13.66 -5.84
CA GLN B 155 21.77 -14.87 -5.12
C GLN B 155 20.40 -14.75 -4.43
N THR B 156 19.37 -15.08 -5.19
CA THR B 156 18.00 -15.08 -4.68
C THR B 156 17.51 -16.51 -4.74
N GLY B 157 17.72 -17.22 -3.64
CA GLY B 157 17.23 -18.59 -3.51
C GLY B 157 15.72 -18.73 -3.60
N ASP B 158 14.99 -17.68 -3.22
CA ASP B 158 13.53 -17.59 -3.27
C ASP B 158 13.29 -16.29 -4.05
N PRO B 159 13.25 -16.38 -5.38
CA PRO B 159 13.12 -15.19 -6.25
C PRO B 159 11.87 -14.33 -6.01
N TYR B 160 10.72 -14.96 -5.76
CA TYR B 160 9.48 -14.20 -5.52
C TYR B 160 9.59 -13.43 -4.19
N LEU B 161 10.17 -14.06 -3.18
CA LEU B 161 10.43 -13.37 -1.91
C LEU B 161 11.36 -12.17 -2.12
N ALA B 162 12.48 -12.39 -2.81
CA ALA B 162 13.41 -11.30 -3.12
C ALA B 162 12.75 -10.15 -3.90
N ALA B 163 11.90 -10.49 -4.88
CA ALA B 163 11.12 -9.48 -5.64
C ALA B 163 10.24 -8.66 -4.68
N SER B 164 9.59 -9.35 -3.75
CA SER B 164 8.73 -8.69 -2.77
C SER B 164 9.54 -7.73 -1.88
N HIS B 165 10.77 -8.10 -1.56
CA HIS B 165 11.66 -7.26 -0.79
C HIS B 165 12.10 -6.02 -1.55
N LEU B 166 12.49 -6.18 -2.80
CA LEU B 166 12.84 -5.00 -3.60
C LEU B 166 11.63 -4.06 -3.71
N PHE B 167 10.46 -4.60 -4.03
CA PHE B 167 9.28 -3.75 -4.16
C PHE B 167 8.90 -3.09 -2.84
N GLY B 168 8.94 -3.86 -1.75
CA GLY B 168 8.57 -3.29 -0.46
C GLY B 168 9.51 -2.17 -0.06
N MSE B 169 10.82 -2.36 -0.28
CA MSE B 169 11.81 -1.34 0.08
C MSE B 169 11.66 -0.10 -0.79
O MSE B 169 11.72 1.04 -0.30
CB MSE B 169 13.24 -1.88 0.02
CG MSE B 169 13.49 -2.85 1.14
SE MSE B 169 15.35 -3.15 1.36
CE MSE B 169 15.33 -4.27 0.10
N LEU B 170 11.45 -0.32 -2.08
CA LEU B 170 11.26 0.74 -3.01
C LEU B 170 10.00 1.56 -2.80
N LEU B 171 8.90 0.87 -2.53
CA LEU B 171 7.58 1.49 -2.57
C LEU B 171 6.88 1.75 -1.24
N TRP B 172 7.41 1.30 -0.10
CA TRP B 172 6.66 1.48 1.15
C TRP B 172 6.30 2.95 1.41
N ILE B 173 7.30 3.82 1.30
CA ILE B 173 7.03 5.25 1.48
C ILE B 173 6.25 5.85 0.29
N PRO B 174 6.78 5.73 -0.95
CA PRO B 174 6.09 6.41 -2.05
C PRO B 174 4.65 5.96 -2.34
N MSE B 175 4.41 4.66 -2.25
CA MSE B 175 3.08 4.13 -2.51
C MSE B 175 2.11 4.49 -1.39
O MSE B 175 0.97 4.90 -1.67
CB MSE B 175 3.08 2.63 -2.78
CG MSE B 175 1.75 2.15 -3.29
SE MSE B 175 1.12 2.94 -4.91
CE MSE B 175 2.12 1.90 -6.07
N ASN B 176 2.52 4.32 -0.14
CA ASN B 176 1.64 4.76 0.96
C ASN B 176 1.36 6.25 0.92
N GLU B 177 2.39 7.04 0.61
CA GLU B 177 2.20 8.49 0.53
CA GLU B 177 2.22 8.48 0.51
C GLU B 177 1.20 8.83 -0.58
N ALA B 178 1.29 8.15 -1.73
CA ALA B 178 0.38 8.36 -2.85
C ALA B 178 -1.04 7.97 -2.52
N MSE B 179 -1.21 6.82 -1.90
CA MSE B 179 -2.54 6.35 -1.55
C MSE B 179 -3.23 7.21 -0.56
O MSE B 179 -4.44 7.43 -0.67
CB MSE B 179 -2.53 4.91 -1.00
CG MSE B 179 -2.15 3.84 -2.05
SE MSE B 179 -3.33 3.69 -3.58
CE MSE B 179 -2.52 4.92 -4.74
N PHE B 180 -2.50 7.68 0.45
CA PHE B 180 -3.11 8.50 1.50
C PHE B 180 -3.15 9.99 1.23
N THR B 181 -2.19 10.50 0.47
CA THR B 181 -2.10 11.97 0.29
C THR B 181 -2.35 12.49 -1.14
N GLY B 182 -2.67 11.64 -2.10
N GLY B 182 -2.35 11.60 -2.13
CA GLY B 182 -3.00 12.08 -3.46
CA GLY B 182 -2.54 11.98 -3.53
C GLY B 182 -1.77 12.26 -4.33
C GLY B 182 -1.28 11.95 -4.39
N SER B 183 -0.82 11.40 -4.09
N SER B 183 -1.51 12.19 -5.67
CA SER B 183 0.42 11.37 -4.84
CA SER B 183 -0.47 12.24 -6.67
C SER B 183 1.64 11.67 -3.98
C SER B 183 0.89 12.63 -6.09
N ASN B 184 2.73 11.85 -4.68
N ASN B 184 1.86 11.86 -6.50
CA ASN B 184 3.93 12.15 -4.00
CA ASN B 184 3.24 12.10 -6.15
C ASN B 184 4.26 13.60 -4.14
C ASN B 184 3.50 13.62 -6.16
N ARG B 185 4.48 14.11 -5.37
CA ARG B 185 4.81 15.56 -5.42
C ARG B 185 6.37 15.63 -5.41
N ARG B 186 7.03 14.47 -5.19
CA ARG B 186 8.47 14.38 -5.24
CA ARG B 186 8.47 14.30 -5.23
C ARG B 186 8.90 14.47 -6.67
N SER B 187 10.07 15.06 -6.84
CA SER B 187 10.62 15.22 -8.13
C SER B 187 11.03 13.82 -8.59
N LYS B 188 11.22 13.71 -9.91
CA LYS B 188 11.79 12.51 -10.51
C LYS B 188 13.15 12.25 -9.89
N ALA B 189 13.96 13.31 -9.67
CA ALA B 189 15.27 13.16 -9.10
C ALA B 189 15.22 12.53 -7.73
N GLU B 190 14.33 13.00 -6.85
CA GLU B 190 14.25 12.43 -5.49
C GLU B 190 13.82 10.96 -5.54
N LEU B 191 12.82 10.67 -6.36
CA LEU B 191 12.33 9.27 -6.49
C LEU B 191 13.41 8.36 -7.06
N GLU B 192 14.21 8.86 -7.99
CA GLU B 192 15.33 8.08 -8.54
C GLU B 192 16.41 7.83 -7.52
N ARG B 193 16.67 8.80 -6.65
CA ARG B 193 17.63 8.60 -5.55
C ARG B 193 17.11 7.61 -4.55
N HIS B 194 15.81 7.67 -4.24
CA HIS B 194 15.15 6.69 -3.39
C HIS B 194 15.29 5.29 -4.00
N ALA B 195 15.03 5.19 -5.31
CA ALA B 195 15.17 3.90 -6.01
C ALA B 195 16.61 3.38 -5.88
N ASP B 196 17.59 4.25 -6.08
CA ASP B 196 19.00 3.83 -5.97
C ASP B 196 19.33 3.30 -4.58
N ALA B 197 18.87 3.99 -3.54
CA ALA B 197 19.06 3.53 -2.16
C ALA B 197 18.44 2.18 -1.89
N SER B 198 17.27 1.95 -2.49
CA SER B 198 16.58 0.71 -2.34
CA SER B 198 16.55 0.68 -2.36
C SER B 198 17.41 -0.42 -2.98
N VAL B 199 18.02 -0.12 -4.15
CA VAL B 199 18.89 -1.08 -4.82
C VAL B 199 20.16 -1.36 -4.03
N GLU B 200 20.72 -0.33 -3.39
CA GLU B 200 21.90 -0.54 -2.52
C GLU B 200 21.60 -1.51 -1.38
N ALA B 201 20.44 -1.32 -0.75
CA ALA B 201 20.00 -2.20 0.34
C ALA B 201 19.73 -3.60 -0.19
N PHE B 202 19.05 -3.68 -1.34
CA PHE B 202 18.77 -4.96 -1.98
C PHE B 202 20.03 -5.76 -2.26
N LEU B 203 21.04 -5.09 -2.80
CA LEU B 203 22.32 -5.77 -3.10
C LEU B 203 23.10 -6.21 -1.85
N ALA B 204 22.93 -5.50 -0.72
CA ALA B 204 23.54 -5.94 0.55
C ALA B 204 22.97 -7.28 1.01
N VAL B 205 21.72 -7.60 0.67
CA VAL B 205 21.11 -8.88 1.03
C VAL B 205 21.34 -9.95 -0.05
N TYR B 206 21.08 -9.58 -1.31
CA TYR B 206 21.00 -10.53 -2.42
C TYR B 206 22.13 -10.47 -3.44
N GLY B 207 23.04 -9.54 -3.27
CA GLY B 207 24.19 -9.46 -4.18
C GLY B 207 25.22 -10.50 -3.86
N VAL B 208 26.06 -10.82 -4.85
CA VAL B 208 27.16 -11.77 -4.63
CA VAL B 208 27.19 -11.77 -4.72
C VAL B 208 28.43 -10.99 -4.28
CL CL C . -30.92 13.69 21.97
CL CL D . -17.11 5.94 3.21
C1 EDO E . -22.18 -0.21 13.93
O1 EDO E . -22.00 -1.07 15.06
C2 EDO E . -22.98 1.02 14.31
O2 EDO E . -23.80 1.48 13.23
C1 EDO F . -6.48 0.49 17.54
O1 EDO F . -5.69 -0.18 18.54
C2 EDO F . -6.14 -0.08 16.15
O2 EDO F . -6.73 -1.38 15.93
C1 EDO G . 0.68 0.14 -0.41
O1 EDO G . -0.40 0.91 -0.97
C2 EDO G . 0.18 -0.59 0.81
O2 EDO G . -0.94 -1.45 0.47
C1 EDO H . -17.90 15.53 2.74
O1 EDO H . -18.49 15.22 1.47
C2 EDO H . -18.87 16.39 3.54
O2 EDO H . -19.91 15.57 4.08
C1 EDO I . -9.33 0.86 14.66
O1 EDO I . -9.51 2.00 15.49
C2 EDO I . -10.72 0.46 14.22
O2 EDO I . -11.43 0.02 15.38
C1 EDO J . -8.54 15.68 9.83
O1 EDO J . -8.24 17.00 9.34
C2 EDO J . -8.16 15.57 11.30
O2 EDO J . -6.91 16.26 11.54
C1 EDO K . -18.48 0.59 4.48
O1 EDO K . -17.91 0.65 3.17
C2 EDO K . -19.08 -0.78 4.75
O2 EDO K . -20.49 -0.74 4.50
C1 EDO L . -10.53 8.13 -4.36
O1 EDO L . -11.19 8.65 -5.53
C2 EDO L . -10.92 6.66 -4.28
O2 EDO L . -12.35 6.47 -4.13
C1 EDO M . -13.54 11.57 -7.83
O1 EDO M . -12.73 12.26 -8.80
C2 EDO M . -13.07 10.14 -7.70
O2 EDO M . -13.62 9.48 -6.55
C1 EDO N . -31.75 18.14 24.61
O1 EDO N . -32.11 19.50 24.32
C2 EDO N . -30.27 18.10 24.83
O2 EDO N . -29.88 19.02 25.85
CL CL O . 0.01 -2.56 -7.28
C1 EDO P . 1.08 -14.00 -11.14
O1 EDO P . 1.12 -14.15 -12.56
C2 EDO P . -0.03 -14.83 -10.50
O2 EDO P . -1.34 -14.29 -10.78
C1 EDO Q . -5.12 3.51 -16.81
C1 EDO Q . -3.67 3.96 -16.95
O1 EDO Q . -4.56 2.41 -17.56
O1 EDO Q . -4.66 2.92 -16.93
C2 EDO Q . -4.12 4.07 -15.80
C2 EDO Q . -4.33 5.31 -17.08
O2 EDO Q . -2.78 3.88 -16.27
O2 EDO Q . -5.00 5.46 -18.34
C1 EDO R . -21.08 2.22 -32.21
O1 EDO R . -20.52 1.29 -33.13
C2 EDO R . -22.05 1.59 -31.28
O2 EDO R . -23.37 2.20 -31.21
C1 EDO S . -1.86 -12.42 -16.29
O1 EDO S . -1.34 -11.90 -17.51
C2 EDO S . -0.88 -13.34 -15.57
O2 EDO S . -0.70 -12.96 -14.21
#